data_7UK8
#
_entry.id   7UK8
#
_cell.length_a   88.220
_cell.length_b   88.220
_cell.length_c   141.598
_cell.angle_alpha   90.000
_cell.angle_beta   90.000
_cell.angle_gamma   120.000
#
_symmetry.space_group_name_H-M   'P 31 2 1'
#
loop_
_entity.id
_entity.type
_entity.pdbx_description
1 polymer 'Putative acid--amine ligase YgiC'
2 non-polymer 'NICKEL (II) ION'
3 non-polymer 'SULFATE ION'
4 non-polymer 'MAGNESIUM ION'
5 water water
#
_entity_poly.entity_id   1
_entity_poly.type   'polypeptide(L)'
_entity_poly.pdbx_seq_one_letter_code
;MGHHHHHHMERVSITERPDWREKAHEYGFNFHTMYGEPYWCEDAYYKLTLAQVEKLEEVTAELHQMCLKVVEKVIASDEL
MTKFRIPKHTWSFVRQSWLTHQPSLYSRLDLAWDGTGEPKLLENNADTPTSLYEAAFFQWIWLEDQLNAGNLPEGSDQFN
SLQEKLIDRFVELREQYGFQLLHLTCCRDTVEDRGTIQYLQDCATEAEIATEFLYIDDIGLGEKGQFTDLQDQVISNLFK
LYPWEFMLREMFSTKLEDAGVRWLEPAWKSIISNKALLPLLWEMFPNHPNLLPAYFAEDDHPQMEKYVVKPIFSREGANV
SIIENGKTIEAAEGPYGEEGMIVQQFHPLPKFGDSYMLIGSWLVNDQPAGIGIREDRALITQDMSRFYPHIFVE
;
_entity_poly.pdbx_strand_id   A
#
# COMPACT_ATOMS: atom_id res chain seq x y z
N HIS A 5 -19.41 18.75 11.41
CA HIS A 5 -18.13 18.06 11.68
C HIS A 5 -16.91 18.99 11.56
N HIS A 6 -16.17 19.19 12.66
CA HIS A 6 -15.04 20.11 12.70
C HIS A 6 -13.78 19.37 12.23
N HIS A 7 -13.14 19.90 11.20
CA HIS A 7 -11.91 19.34 10.67
C HIS A 7 -10.95 20.49 10.45
N HIS A 8 -9.66 20.18 10.33
CA HIS A 8 -8.67 21.18 9.94
C HIS A 8 -8.21 21.01 8.50
N MET A 9 -8.85 20.12 7.76
CA MET A 9 -8.71 20.00 6.32
C MET A 9 -10.08 20.28 5.74
N GLU A 10 -10.13 20.78 4.50
CA GLU A 10 -11.44 20.94 3.86
C GLU A 10 -11.53 20.16 2.54
N ARG A 11 -12.74 19.65 2.32
CA ARG A 11 -13.20 19.09 1.06
C ARG A 11 -13.88 20.21 0.29
N VAL A 12 -13.27 20.65 -0.80
CA VAL A 12 -13.71 21.80 -1.59
C VAL A 12 -14.39 21.29 -2.86
N SER A 13 -15.66 21.65 -3.08
CA SER A 13 -16.30 21.32 -4.36
C SER A 13 -15.56 22.01 -5.50
N ILE A 14 -15.54 21.35 -6.66
CA ILE A 14 -14.92 21.92 -7.85
C ILE A 14 -15.64 21.38 -9.07
N THR A 15 -15.67 22.20 -10.14
CA THR A 15 -16.20 21.76 -11.42
C THR A 15 -15.24 20.75 -12.03
N GLU A 16 -15.74 19.57 -12.41
CA GLU A 16 -14.89 18.55 -13.02
C GLU A 16 -14.28 19.08 -14.31
N ARG A 17 -13.02 18.72 -14.59
CA ARG A 17 -12.50 18.98 -15.93
C ARG A 17 -13.41 18.29 -16.96
N PRO A 18 -13.70 18.94 -18.08
CA PRO A 18 -14.75 18.37 -18.96
C PRO A 18 -14.31 17.12 -19.71
N ASP A 19 -13.02 16.88 -19.84
CA ASP A 19 -12.52 15.79 -20.66
C ASP A 19 -11.69 14.78 -19.88
N TRP A 20 -11.91 14.63 -18.56
CA TRP A 20 -10.95 13.82 -17.81
C TRP A 20 -11.07 12.35 -18.18
N ARG A 21 -12.27 11.88 -18.47
CA ARG A 21 -12.41 10.47 -18.86
C ARG A 21 -11.60 10.16 -20.12
N GLU A 22 -11.59 11.06 -21.11
CA GLU A 22 -10.76 10.81 -22.28
C GLU A 22 -9.29 10.99 -21.95
N LYS A 23 -8.95 11.92 -21.05
CA LYS A 23 -7.55 11.99 -20.62
C LYS A 23 -7.11 10.65 -20.04
N ALA A 24 -7.98 10.03 -19.26
CA ALA A 24 -7.66 8.71 -18.72
C ALA A 24 -7.47 7.71 -19.85
N HIS A 25 -8.40 7.71 -20.81
CA HIS A 25 -8.35 6.76 -21.91
C HIS A 25 -7.06 6.94 -22.70
N GLU A 26 -6.63 8.18 -22.90
CA GLU A 26 -5.44 8.39 -23.70
C GLU A 26 -4.21 7.79 -23.03
N TYR A 27 -4.16 7.80 -21.70
CA TYR A 27 -3.06 7.24 -20.95
C TYR A 27 -3.20 5.75 -20.68
N GLY A 28 -4.34 5.15 -21.00
CA GLY A 28 -4.57 3.78 -20.63
C GLY A 28 -4.87 3.60 -19.16
N PHE A 29 -5.55 4.58 -18.54
CA PHE A 29 -5.97 4.50 -17.15
C PHE A 29 -7.44 4.07 -17.13
N ASN A 30 -7.70 2.85 -16.64
CA ASN A 30 -9.08 2.43 -16.46
C ASN A 30 -9.46 2.79 -15.03
N PHE A 31 -10.19 3.88 -14.90
CA PHE A 31 -10.52 4.48 -13.61
C PHE A 31 -11.68 3.80 -12.91
N HIS A 32 -12.23 2.73 -13.48
CA HIS A 32 -13.33 2.01 -12.83
C HIS A 32 -12.82 1.18 -11.64
N THR A 33 -13.69 0.95 -10.66
CA THR A 33 -13.30 0.15 -9.50
C THR A 33 -13.02 -1.29 -9.91
N MET A 34 -11.95 -1.86 -9.37
CA MET A 34 -11.61 -3.27 -9.63
C MET A 34 -10.53 -3.68 -8.65
N TYR A 35 -10.66 -4.90 -8.09
CA TYR A 35 -9.60 -5.49 -7.24
C TYR A 35 -9.08 -4.51 -6.18
N GLY A 36 -10.00 -3.77 -5.57
CA GLY A 36 -9.62 -2.83 -4.53
C GLY A 36 -9.10 -1.50 -5.05
N GLU A 37 -8.94 -1.34 -6.36
CA GLU A 37 -8.55 -0.04 -6.89
C GLU A 37 -9.77 0.89 -6.90
N PRO A 38 -9.60 2.16 -6.54
CA PRO A 38 -10.77 3.04 -6.33
C PRO A 38 -11.26 3.72 -7.61
N TYR A 39 -12.49 4.18 -7.56
CA TYR A 39 -13.07 4.96 -8.64
C TYR A 39 -12.58 6.41 -8.56
N TRP A 40 -12.06 6.93 -9.67
CA TRP A 40 -11.56 8.31 -9.69
C TRP A 40 -12.70 9.33 -9.62
N CYS A 41 -12.54 10.34 -8.77
CA CYS A 41 -13.56 11.38 -8.62
C CYS A 41 -12.87 12.73 -8.57
N GLU A 42 -13.47 13.75 -9.20
CA GLU A 42 -12.86 15.07 -9.14
C GLU A 42 -13.89 16.18 -9.18
N ASP A 43 -15.09 15.92 -8.70
CA ASP A 43 -16.00 17.01 -8.40
C ASP A 43 -15.72 17.62 -7.04
N ALA A 44 -14.62 17.22 -6.40
CA ALA A 44 -14.14 17.85 -5.17
C ALA A 44 -12.66 17.52 -5.03
N TYR A 45 -11.98 18.26 -4.17
CA TYR A 45 -10.61 17.94 -3.82
C TYR A 45 -10.43 18.27 -2.35
N TYR A 46 -9.40 17.70 -1.74
CA TYR A 46 -9.08 17.99 -0.35
C TYR A 46 -8.00 19.04 -0.29
N LYS A 47 -8.13 19.98 0.65
CA LYS A 47 -7.13 21.03 0.83
C LYS A 47 -6.47 20.88 2.21
N LEU A 48 -5.17 20.68 2.21
CA LEU A 48 -4.35 20.56 3.41
C LEU A 48 -3.49 21.81 3.57
N THR A 49 -2.79 21.88 4.70
CA THR A 49 -1.80 22.92 4.88
C THR A 49 -0.40 22.34 4.77
N LEU A 50 0.55 23.25 4.52
CA LEU A 50 1.96 22.86 4.55
C LEU A 50 2.31 22.18 5.87
N ALA A 51 1.80 22.70 7.00
CA ALA A 51 2.10 22.10 8.29
C ALA A 51 1.63 20.65 8.36
N GLN A 52 0.40 20.40 7.89
CA GLN A 52 -0.16 19.05 7.88
C GLN A 52 0.66 18.11 7.00
N VAL A 53 1.15 18.60 5.85
CA VAL A 53 1.93 17.77 4.96
C VAL A 53 3.28 17.45 5.58
N GLU A 54 3.91 18.42 6.24
CA GLU A 54 5.18 18.09 6.90
C GLU A 54 4.98 17.09 8.04
N LYS A 55 3.85 17.19 8.75
CA LYS A 55 3.55 16.22 9.81
C LYS A 55 3.36 14.81 9.24
N LEU A 56 2.53 14.68 8.21
CA LEU A 56 2.34 13.38 7.54
C LEU A 56 3.65 12.81 7.04
N GLU A 57 4.52 13.66 6.49
CA GLU A 57 5.80 13.21 5.99
C GLU A 57 6.66 12.65 7.13
N GLU A 58 6.78 13.40 8.23
CA GLU A 58 7.48 12.96 9.43
C GLU A 58 6.97 11.61 9.93
N VAL A 59 5.67 11.53 10.17
CA VAL A 59 5.05 10.35 10.74
C VAL A 59 5.24 9.15 9.82
N THR A 60 5.13 9.38 8.51
CA THR A 60 5.27 8.27 7.56
C THR A 60 6.69 7.72 7.57
N ALA A 61 7.70 8.59 7.65
CA ALA A 61 9.08 8.11 7.68
C ALA A 61 9.32 7.30 8.95
N GLU A 62 8.78 7.76 10.08
CA GLU A 62 9.05 7.09 11.35
C GLU A 62 8.32 5.75 11.42
N LEU A 63 7.04 5.73 11.02
CA LEU A 63 6.32 4.47 11.02
C LEU A 63 7.01 3.42 10.17
N HIS A 64 7.58 3.82 9.04
CA HIS A 64 8.25 2.83 8.20
C HIS A 64 9.46 2.23 8.93
N GLN A 65 10.24 3.08 9.61
CA GLN A 65 11.34 2.56 10.43
C GLN A 65 10.84 1.62 11.51
N MET A 66 9.72 1.98 12.16
CA MET A 66 9.09 1.08 13.13
C MET A 66 8.70 -0.26 12.49
N CYS A 67 8.19 -0.23 11.27
CA CYS A 67 7.84 -1.49 10.61
C CYS A 67 9.10 -2.31 10.34
N LEU A 68 10.20 -1.65 9.95
CA LEU A 68 11.43 -2.40 9.76
C LEU A 68 11.88 -3.05 11.06
N LYS A 69 11.60 -2.42 12.21
CA LYS A 69 11.96 -3.06 13.48
C LYS A 69 11.10 -4.28 13.74
N VAL A 70 9.82 -4.22 13.39
CA VAL A 70 8.95 -5.38 13.51
C VAL A 70 9.49 -6.53 12.69
N VAL A 71 9.94 -6.27 11.45
CA VAL A 71 10.41 -7.38 10.63
C VAL A 71 11.58 -8.07 11.30
N GLU A 72 12.56 -7.30 11.78
CA GLU A 72 13.73 -7.92 12.38
C GLU A 72 13.32 -8.82 13.55
N LYS A 73 12.36 -8.37 14.35
CA LYS A 73 11.93 -9.16 15.51
C LYS A 73 11.19 -10.43 15.08
N VAL A 74 10.32 -10.33 14.08
CA VAL A 74 9.57 -11.51 13.61
C VAL A 74 10.50 -12.53 12.97
N ILE A 75 11.35 -12.08 12.04
CA ILE A 75 12.29 -12.96 11.33
C ILE A 75 13.07 -13.85 12.30
N ALA A 76 13.44 -13.29 13.47
CA ALA A 76 14.26 -13.99 14.44
C ALA A 76 13.50 -15.00 15.27
N SER A 77 12.15 -15.05 15.18
CA SER A 77 11.32 -15.84 16.09
C SER A 77 10.39 -16.77 15.33
N ASP A 78 10.60 -18.09 15.46
CA ASP A 78 9.66 -19.06 14.90
C ASP A 78 8.26 -18.81 15.41
N GLU A 79 8.14 -18.50 16.70
CA GLU A 79 6.85 -18.23 17.30
C GLU A 79 6.13 -17.07 16.60
N LEU A 80 6.85 -15.97 16.34
CA LEU A 80 6.23 -14.80 15.69
C LEU A 80 5.95 -15.05 14.22
N MET A 81 6.84 -15.78 13.52
CA MET A 81 6.54 -16.18 12.15
C MET A 81 5.22 -16.97 12.10
N THR A 82 5.01 -17.88 13.06
CA THR A 82 3.74 -18.59 13.13
C THR A 82 2.58 -17.65 13.42
N LYS A 83 2.75 -16.71 14.36
CA LYS A 83 1.66 -15.82 14.72
C LYS A 83 1.28 -14.91 13.56
N PHE A 84 2.28 -14.49 12.77
CA PHE A 84 2.06 -13.72 11.54
C PHE A 84 1.50 -14.58 10.39
N ARG A 85 1.33 -15.88 10.62
CA ARG A 85 0.78 -16.81 9.65
C ARG A 85 1.63 -16.85 8.38
N ILE A 86 2.96 -16.81 8.54
CA ILE A 86 3.79 -17.07 7.36
C ILE A 86 3.92 -18.59 7.23
N PRO A 87 3.57 -19.18 6.09
CA PRO A 87 3.60 -20.66 6.00
C PRO A 87 5.00 -21.20 6.26
N LYS A 88 5.07 -22.22 7.12
CA LYS A 88 6.36 -22.79 7.54
C LYS A 88 7.22 -23.26 6.37
N HIS A 89 6.59 -23.80 5.32
CA HIS A 89 7.37 -24.23 4.17
C HIS A 89 8.01 -23.05 3.40
N THR A 90 7.69 -21.80 3.76
CA THR A 90 8.31 -20.65 3.09
C THR A 90 9.21 -19.86 4.02
N TRP A 91 9.41 -20.33 5.24
CA TRP A 91 10.17 -19.54 6.21
C TRP A 91 11.58 -19.27 5.71
N SER A 92 12.22 -20.27 5.10
CA SER A 92 13.59 -20.07 4.62
C SER A 92 13.64 -19.03 3.49
N PHE A 93 12.71 -19.14 2.55
CA PHE A 93 12.59 -18.15 1.49
C PHE A 93 12.43 -16.74 2.05
N VAL A 94 11.49 -16.57 2.99
CA VAL A 94 11.20 -15.24 3.54
C VAL A 94 12.37 -14.73 4.37
N ARG A 95 12.95 -15.60 5.20
CA ARG A 95 14.06 -15.16 6.05
C ARG A 95 15.29 -14.81 5.22
N GLN A 96 15.63 -15.62 4.21
CA GLN A 96 16.80 -15.30 3.40
C GLN A 96 16.64 -13.96 2.68
N SER A 97 15.40 -13.62 2.33
CA SER A 97 15.14 -12.33 1.67
C SER A 97 15.49 -11.18 2.61
N TRP A 98 15.22 -11.34 3.91
CA TRP A 98 15.55 -10.31 4.85
C TRP A 98 17.04 -10.29 5.16
N LEU A 99 17.61 -11.48 5.37
CA LEU A 99 19.01 -11.57 5.77
C LEU A 99 19.97 -11.17 4.65
N THR A 100 19.55 -11.21 3.38
CA THR A 100 20.36 -10.69 2.28
C THR A 100 19.94 -9.27 1.87
N HIS A 101 19.10 -8.61 2.67
CA HIS A 101 18.76 -7.17 2.51
C HIS A 101 18.12 -6.89 1.16
N GLN A 102 17.20 -7.77 0.72
CA GLN A 102 16.59 -7.55 -0.58
C GLN A 102 15.85 -6.21 -0.61
N PRO A 103 15.97 -5.45 -1.70
CA PRO A 103 15.45 -4.08 -1.72
C PRO A 103 13.94 -3.98 -1.99
N SER A 104 13.34 -2.95 -1.40
CA SER A 104 11.93 -2.61 -1.56
C SER A 104 11.77 -1.48 -2.57
N LEU A 105 10.67 -1.55 -3.34
CA LEU A 105 10.26 -0.43 -4.18
C LEU A 105 9.31 0.54 -3.49
N TYR A 106 8.15 0.05 -3.00
CA TYR A 106 7.17 0.99 -2.44
C TYR A 106 6.33 0.32 -1.34
N SER A 107 5.61 1.17 -0.61
CA SER A 107 4.65 0.82 0.44
C SER A 107 3.62 1.92 0.49
N ARG A 108 2.40 1.62 0.96
CA ARG A 108 1.43 2.66 1.30
C ARG A 108 0.87 2.44 2.70
N LEU A 109 1.02 3.43 3.57
CA LEU A 109 0.41 3.42 4.90
C LEU A 109 -0.99 4.00 4.79
N ASP A 110 -1.92 3.46 5.57
CA ASP A 110 -3.25 4.07 5.66
C ASP A 110 -3.37 4.77 7.00
N LEU A 111 -3.57 6.10 6.98
CA LEU A 111 -3.57 6.92 8.18
C LEU A 111 -4.92 7.60 8.37
N ALA A 112 -5.51 7.43 9.55
CA ALA A 112 -6.71 8.16 9.92
C ALA A 112 -6.32 9.55 10.46
N TRP A 113 -6.78 10.62 9.80
CA TRP A 113 -6.44 11.97 10.25
C TRP A 113 -7.32 12.99 9.55
N ASP A 114 -7.83 13.97 10.32
CA ASP A 114 -8.43 15.17 9.74
C ASP A 114 -7.66 16.44 10.08
N GLY A 115 -6.41 16.30 10.52
CA GLY A 115 -5.64 17.45 10.94
C GLY A 115 -5.75 17.78 12.42
N THR A 116 -6.78 17.26 13.09
CA THR A 116 -6.91 17.35 14.55
C THR A 116 -6.33 16.11 15.22
N GLY A 117 -5.66 16.33 16.35
CA GLY A 117 -5.00 15.23 17.04
C GLY A 117 -3.82 14.73 16.22
N GLU A 118 -3.47 13.47 16.46
CA GLU A 118 -2.37 12.75 15.84
C GLU A 118 -2.91 11.78 14.78
N PRO A 119 -2.26 11.67 13.62
CA PRO A 119 -2.69 10.63 12.66
C PRO A 119 -2.41 9.24 13.22
N LYS A 120 -3.31 8.29 12.93
CA LYS A 120 -3.23 6.93 13.45
C LYS A 120 -3.05 5.93 12.32
N LEU A 121 -2.12 5.01 12.49
CA LEU A 121 -1.86 3.98 11.49
C LEU A 121 -2.95 2.91 11.56
N LEU A 122 -3.64 2.72 10.44
CA LEU A 122 -4.60 1.62 10.37
C LEU A 122 -4.05 0.37 9.68
N GLU A 123 -3.15 0.50 8.69
CA GLU A 123 -2.48 -0.64 8.06
C GLU A 123 -1.31 -0.16 7.22
N ASN A 124 -0.41 -1.11 6.91
CA ASN A 124 0.69 -0.85 5.97
C ASN A 124 0.47 -1.78 4.78
N ASN A 125 -0.07 -1.25 3.67
CA ASN A 125 -0.19 -2.01 2.43
C ASN A 125 1.20 -2.05 1.81
N ALA A 126 1.99 -3.07 2.18
CA ALA A 126 3.42 -3.04 1.85
C ALA A 126 3.76 -4.05 0.79
N ASP A 127 2.76 -4.51 0.03
CA ASP A 127 3.02 -5.61 -0.92
C ASP A 127 2.45 -5.23 -2.28
N THR A 128 1.14 -5.02 -2.34
CA THR A 128 0.45 -4.69 -3.60
C THR A 128 -0.50 -3.51 -3.35
N PRO A 129 0.03 -2.36 -2.98
CA PRO A 129 -0.86 -1.25 -2.57
C PRO A 129 -1.60 -0.66 -3.77
N THR A 130 -2.87 -0.41 -3.59
CA THR A 130 -3.69 0.14 -4.66
C THR A 130 -3.57 1.66 -4.71
N SER A 131 -4.08 2.21 -5.83
CA SER A 131 -4.19 3.64 -6.14
C SER A 131 -2.85 4.31 -6.47
N LEU A 132 -1.84 3.55 -6.92
CA LEU A 132 -0.56 4.16 -7.27
C LEU A 132 -0.71 5.13 -8.44
N TYR A 133 -1.38 4.71 -9.51
CA TYR A 133 -1.42 5.52 -10.72
C TYR A 133 -2.07 6.88 -10.46
N GLU A 134 -3.23 6.89 -9.78
CA GLU A 134 -3.91 8.14 -9.40
C GLU A 134 -3.04 9.02 -8.52
N ALA A 135 -2.39 8.42 -7.51
CA ALA A 135 -1.60 9.25 -6.59
C ALA A 135 -0.35 9.82 -7.26
N ALA A 136 0.29 9.03 -8.13
CA ALA A 136 1.57 9.43 -8.67
C ALA A 136 1.38 10.37 -9.84
N PHE A 137 0.47 10.03 -10.74
CA PHE A 137 0.43 10.72 -12.02
C PHE A 137 -0.91 11.43 -12.26
N PHE A 138 -2.04 10.71 -12.15
CA PHE A 138 -3.27 11.34 -12.59
C PHE A 138 -3.61 12.58 -11.77
N GLN A 139 -3.36 12.53 -10.45
CA GLN A 139 -3.74 13.74 -9.70
C GLN A 139 -2.73 14.87 -9.91
N TRP A 140 -1.51 14.56 -10.39
N TRP A 140 -1.53 14.58 -10.41
CA TRP A 140 -0.53 15.59 -10.74
CA TRP A 140 -0.60 15.66 -10.71
C TRP A 140 -1.00 16.38 -11.96
C TRP A 140 -0.99 16.40 -11.98
N ILE A 141 -1.41 15.66 -13.01
CA ILE A 141 -1.99 16.31 -14.20
C ILE A 141 -3.23 17.10 -13.81
N TRP A 142 -4.08 16.53 -12.96
CA TRP A 142 -5.25 17.27 -12.46
C TRP A 142 -4.85 18.62 -11.88
N LEU A 143 -3.82 18.64 -11.04
CA LEU A 143 -3.38 19.88 -10.43
C LEU A 143 -2.94 20.89 -11.49
N GLU A 144 -2.10 20.45 -12.43
CA GLU A 144 -1.64 21.36 -13.48
C GLU A 144 -2.82 21.87 -14.31
N ASP A 145 -3.73 20.98 -14.68
CA ASP A 145 -4.90 21.39 -15.48
C ASP A 145 -5.75 22.42 -14.74
N GLN A 146 -6.07 22.16 -13.47
CA GLN A 146 -7.00 23.04 -12.79
C GLN A 146 -6.33 24.34 -12.36
N LEU A 147 -5.01 24.33 -12.15
CA LEU A 147 -4.28 25.59 -12.01
C LEU A 147 -4.39 26.42 -13.27
N ASN A 148 -4.14 25.80 -14.43
CA ASN A 148 -4.22 26.52 -15.69
C ASN A 148 -5.61 27.04 -15.98
N ALA A 149 -6.65 26.33 -15.54
CA ALA A 149 -8.01 26.80 -15.74
C ALA A 149 -8.43 27.84 -14.71
N GLY A 150 -7.54 28.26 -13.82
CA GLY A 150 -7.86 29.21 -12.78
C GLY A 150 -8.82 28.71 -11.72
N ASN A 151 -8.93 27.39 -11.50
CA ASN A 151 -9.93 26.87 -10.58
C ASN A 151 -9.34 26.49 -9.21
N LEU A 152 -8.06 26.77 -8.99
CA LEU A 152 -7.41 26.47 -7.71
C LEU A 152 -6.69 27.70 -7.17
N PRO A 153 -6.52 27.80 -5.84
CA PRO A 153 -5.75 28.92 -5.28
C PRO A 153 -4.38 29.07 -5.94
N GLU A 154 -3.91 30.32 -6.03
CA GLU A 154 -2.76 30.64 -6.89
C GLU A 154 -1.51 29.89 -6.46
N GLY A 155 -1.28 29.73 -5.16
CA GLY A 155 -0.09 28.99 -4.75
C GLY A 155 -0.25 27.48 -4.52
N SER A 156 -1.27 26.86 -5.13
CA SER A 156 -1.55 25.44 -4.86
C SER A 156 -0.33 24.57 -5.14
N ASP A 157 -0.09 23.61 -4.24
CA ASP A 157 0.96 22.61 -4.41
C ASP A 157 0.35 21.23 -4.09
N GLN A 158 1.17 20.19 -4.10
CA GLN A 158 0.65 18.85 -3.87
C GLN A 158 1.74 18.03 -3.22
N PHE A 159 1.39 17.31 -2.16
CA PHE A 159 2.36 16.44 -1.50
C PHE A 159 2.42 15.17 -2.34
N ASN A 160 3.41 15.11 -3.24
CA ASN A 160 3.46 14.07 -4.25
C ASN A 160 4.79 14.16 -4.98
N SER A 161 5.76 13.33 -4.58
CA SER A 161 6.98 13.16 -5.36
C SER A 161 7.12 11.70 -5.83
N LEU A 162 6.00 11.02 -6.06
CA LEU A 162 6.06 9.58 -6.37
C LEU A 162 6.84 9.31 -7.65
N GLN A 163 6.52 10.05 -8.72
CA GLN A 163 7.11 9.70 -10.01
C GLN A 163 8.60 9.92 -9.98
N GLU A 164 9.02 11.06 -9.40
CA GLU A 164 10.44 11.36 -9.31
C GLU A 164 11.16 10.31 -8.46
N LYS A 165 10.58 9.94 -7.32
CA LYS A 165 11.27 9.00 -6.43
C LYS A 165 11.25 7.57 -7.00
N LEU A 166 10.16 7.19 -7.66
CA LEU A 166 10.12 5.86 -8.31
C LEU A 166 11.19 5.74 -9.38
N ILE A 167 11.31 6.74 -10.26
CA ILE A 167 12.36 6.71 -11.28
C ILE A 167 13.74 6.66 -10.64
N ASP A 168 13.99 7.53 -9.64
CA ASP A 168 15.28 7.49 -8.94
C ASP A 168 15.54 6.13 -8.30
N ARG A 169 14.50 5.51 -7.73
CA ARG A 169 14.70 4.20 -7.11
C ARG A 169 15.02 3.13 -8.16
N PHE A 170 14.34 3.15 -9.31
CA PHE A 170 14.69 2.22 -10.38
C PHE A 170 16.13 2.44 -10.83
N VAL A 171 16.57 3.70 -10.92
CA VAL A 171 17.98 3.93 -11.31
C VAL A 171 18.90 3.31 -10.28
N GLU A 172 18.58 3.52 -9.00
CA GLU A 172 19.35 2.94 -7.91
C GLU A 172 19.33 1.41 -7.97
N LEU A 173 18.16 0.83 -8.25
CA LEU A 173 18.11 -0.62 -8.36
C LEU A 173 18.98 -1.11 -9.52
N ARG A 174 18.93 -0.42 -10.65
CA ARG A 174 19.76 -0.84 -11.79
C ARG A 174 21.23 -0.68 -11.47
N GLU A 175 21.63 0.52 -11.04
CA GLU A 175 23.05 0.85 -10.95
C GLU A 175 23.71 0.18 -9.77
N GLN A 176 23.02 0.14 -8.64
CA GLN A 176 23.64 -0.39 -7.44
C GLN A 176 23.19 -1.79 -7.02
N TYR A 177 22.09 -2.31 -7.55
CA TYR A 177 21.68 -3.68 -7.26
C TYR A 177 21.67 -4.56 -8.51
N GLY A 178 22.00 -4.04 -9.68
CA GLY A 178 22.10 -4.86 -10.86
C GLY A 178 20.78 -5.30 -11.48
N PHE A 179 19.70 -4.53 -11.27
CA PHE A 179 18.41 -4.75 -11.94
C PHE A 179 18.50 -4.21 -13.37
N GLN A 180 19.19 -4.94 -14.23
CA GLN A 180 19.28 -4.49 -15.62
C GLN A 180 18.04 -4.82 -16.42
N LEU A 181 17.40 -5.96 -16.11
CA LEU A 181 16.24 -6.45 -16.83
C LEU A 181 15.17 -6.80 -15.80
N LEU A 182 14.00 -6.17 -15.91
CA LEU A 182 12.94 -6.34 -14.94
C LEU A 182 11.71 -6.91 -15.65
N HIS A 183 11.26 -8.09 -15.22
CA HIS A 183 9.98 -8.59 -15.65
C HIS A 183 8.90 -8.05 -14.73
N LEU A 184 7.70 -7.82 -15.29
CA LEU A 184 6.55 -7.37 -14.51
C LEU A 184 5.42 -8.37 -14.74
N THR A 185 4.64 -8.66 -13.69
CA THR A 185 3.58 -9.65 -13.88
C THR A 185 2.37 -9.31 -13.01
N CYS A 186 1.20 -9.80 -13.44
CA CYS A 186 0.04 -9.89 -12.57
C CYS A 186 -0.80 -11.09 -12.98
N CYS A 187 -1.87 -11.33 -12.24
CA CYS A 187 -2.76 -12.41 -12.60
C CYS A 187 -3.56 -12.00 -13.83
N ARG A 188 -3.70 -12.92 -14.78
CA ARG A 188 -4.51 -12.67 -15.95
C ARG A 188 -5.94 -12.32 -15.56
N ASP A 189 -6.51 -11.34 -16.28
CA ASP A 189 -7.89 -10.86 -16.06
C ASP A 189 -8.08 -10.15 -14.73
N THR A 190 -7.04 -9.42 -14.27
CA THR A 190 -7.18 -8.63 -13.07
C THR A 190 -6.87 -7.20 -13.45
N VAL A 191 -5.66 -6.71 -13.19
CA VAL A 191 -5.41 -5.28 -13.25
C VAL A 191 -4.41 -4.93 -14.36
N GLU A 192 -4.19 -5.84 -15.33
CA GLU A 192 -3.14 -5.55 -16.32
C GLU A 192 -3.43 -4.28 -17.11
N ASP A 193 -4.69 -3.90 -17.27
CA ASP A 193 -5.04 -2.71 -18.05
C ASP A 193 -5.47 -1.53 -17.18
N ARG A 194 -5.29 -1.63 -15.87
CA ARG A 194 -5.68 -0.54 -14.98
C ARG A 194 -4.85 0.70 -15.22
N GLY A 195 -3.54 0.51 -15.51
CA GLY A 195 -2.63 1.63 -15.70
C GLY A 195 -1.32 1.47 -14.97
N THR A 196 -1.38 0.79 -13.83
CA THR A 196 -0.24 0.64 -12.93
C THR A 196 0.94 -0.01 -13.60
N ILE A 197 0.71 -1.14 -14.25
CA ILE A 197 1.81 -1.90 -14.83
C ILE A 197 2.52 -1.09 -15.89
N GLN A 198 1.74 -0.53 -16.81
CA GLN A 198 2.33 0.27 -17.86
C GLN A 198 3.07 1.47 -17.26
N TYR A 199 2.51 2.05 -16.19
CA TYR A 199 3.13 3.24 -15.60
C TYR A 199 4.47 2.89 -15.00
N LEU A 200 4.52 1.82 -14.19
CA LEU A 200 5.77 1.40 -13.59
C LEU A 200 6.76 0.96 -14.65
N GLN A 201 6.28 0.31 -15.71
CA GLN A 201 7.15 -0.02 -16.82
C GLN A 201 7.70 1.24 -17.48
N ASP A 202 6.87 2.30 -17.62
CA ASP A 202 7.35 3.57 -18.16
C ASP A 202 8.42 4.20 -17.25
N CYS A 203 8.20 4.12 -15.93
CA CYS A 203 9.22 4.62 -15.01
C CYS A 203 10.50 3.82 -15.13
N ALA A 204 10.39 2.49 -15.17
CA ALA A 204 11.59 1.66 -15.26
C ALA A 204 12.34 1.95 -16.56
N THR A 205 11.60 2.15 -17.65
CA THR A 205 12.19 2.47 -18.94
C THR A 205 12.95 3.79 -18.90
N GLU A 206 12.34 4.83 -18.32
CA GLU A 206 13.03 6.09 -18.09
C GLU A 206 14.32 5.92 -17.27
N ALA A 207 14.34 4.97 -16.35
CA ALA A 207 15.53 4.66 -15.56
C ALA A 207 16.51 3.76 -16.32
N GLU A 208 16.23 3.47 -17.59
CA GLU A 208 17.07 2.68 -18.50
C GLU A 208 17.17 1.23 -18.05
N ILE A 209 16.09 0.72 -17.44
CA ILE A 209 15.93 -0.71 -17.18
C ILE A 209 15.16 -1.30 -18.36
N ALA A 210 15.63 -2.42 -18.90
CA ALA A 210 14.84 -3.15 -19.89
C ALA A 210 13.72 -3.88 -19.16
N THR A 211 12.53 -3.96 -19.76
CA THR A 211 11.38 -4.58 -19.08
C THR A 211 10.65 -5.55 -20.01
N GLU A 212 9.94 -6.51 -19.38
CA GLU A 212 9.04 -7.43 -20.10
C GLU A 212 7.83 -7.65 -19.24
N PHE A 213 6.63 -7.59 -19.81
CA PHE A 213 5.43 -7.98 -19.07
C PHE A 213 5.00 -9.39 -19.46
N LEU A 214 4.54 -10.17 -18.47
CA LEU A 214 3.92 -11.48 -18.77
C LEU A 214 2.95 -11.80 -17.64
N TYR A 215 1.91 -12.57 -17.94
CA TYR A 215 0.97 -12.97 -16.90
C TYR A 215 1.60 -14.04 -16.01
N ILE A 216 1.06 -14.16 -14.78
CA ILE A 216 1.59 -15.17 -13.86
C ILE A 216 1.54 -16.56 -14.49
N ASP A 217 0.45 -16.87 -15.19
CA ASP A 217 0.34 -18.18 -15.82
C ASP A 217 1.26 -18.36 -17.03
N ASP A 218 1.91 -17.27 -17.52
CA ASP A 218 2.88 -17.36 -18.61
C ASP A 218 4.24 -17.83 -18.13
N ILE A 219 4.50 -17.75 -16.84
CA ILE A 219 5.84 -18.03 -16.31
C ILE A 219 6.11 -19.52 -16.42
N GLY A 220 7.30 -19.88 -16.94
CA GLY A 220 7.65 -21.29 -17.07
C GLY A 220 8.57 -21.78 -15.97
N LEU A 221 8.65 -23.10 -15.83
CA LEU A 221 9.58 -23.72 -14.90
C LEU A 221 10.67 -24.43 -15.70
N GLY A 222 11.93 -23.97 -15.52
CA GLY A 222 13.06 -24.58 -16.19
C GLY A 222 13.58 -25.82 -15.47
N GLU A 223 14.50 -26.53 -16.14
CA GLU A 223 14.93 -27.84 -15.67
C GLU A 223 15.65 -27.76 -14.33
N LYS A 224 16.31 -26.64 -14.03
CA LYS A 224 17.02 -26.45 -12.76
C LYS A 224 16.24 -25.56 -11.78
N GLY A 225 14.93 -25.44 -11.94
CA GLY A 225 14.16 -24.67 -11.00
C GLY A 225 14.02 -23.20 -11.35
N GLN A 226 14.59 -22.77 -12.46
CA GLN A 226 14.52 -21.35 -12.78
C GLN A 226 13.15 -21.02 -13.38
N PHE A 227 12.73 -19.76 -13.21
CA PHE A 227 11.49 -19.27 -13.80
C PHE A 227 11.81 -18.63 -15.15
N THR A 228 11.02 -18.91 -16.16
CA THR A 228 11.34 -18.46 -17.51
C THR A 228 10.17 -17.69 -18.10
N ASP A 229 10.47 -16.81 -19.07
CA ASP A 229 9.50 -15.84 -19.57
C ASP A 229 8.91 -16.32 -20.91
N LEU A 230 8.23 -15.42 -21.62
CA LEU A 230 7.58 -15.81 -22.88
C LEU A 230 8.56 -16.23 -23.97
N GLN A 231 9.85 -15.93 -23.82
CA GLN A 231 10.89 -16.33 -24.76
C GLN A 231 11.71 -17.50 -24.23
N ASP A 232 11.21 -18.19 -23.20
CA ASP A 232 11.91 -19.23 -22.46
C ASP A 232 13.27 -18.79 -21.94
N GLN A 233 13.45 -17.49 -21.73
CA GLN A 233 14.67 -17.01 -21.10
C GLN A 233 14.41 -16.78 -19.62
N VAL A 234 15.50 -16.82 -18.87
CA VAL A 234 15.48 -16.82 -17.42
C VAL A 234 14.98 -15.47 -16.90
N ILE A 235 14.08 -15.51 -15.92
CA ILE A 235 13.66 -14.32 -15.19
C ILE A 235 14.58 -14.15 -13.99
N SER A 236 15.18 -12.97 -13.86
CA SER A 236 16.06 -12.68 -12.73
C SER A 236 15.43 -11.75 -11.70
N ASN A 237 14.64 -10.78 -12.16
CA ASN A 237 14.05 -9.76 -11.32
C ASN A 237 12.59 -9.66 -11.71
N LEU A 238 11.70 -9.77 -10.75
CA LEU A 238 10.26 -9.84 -11.08
C LEU A 238 9.46 -8.92 -10.17
N PHE A 239 8.81 -7.93 -10.76
CA PHE A 239 7.87 -7.07 -10.04
C PHE A 239 6.49 -7.70 -10.19
N LYS A 240 5.70 -7.76 -9.11
CA LYS A 240 4.39 -8.39 -9.23
C LYS A 240 3.31 -7.54 -8.57
N LEU A 241 2.15 -7.49 -9.22
CA LEU A 241 0.95 -6.95 -8.61
C LEU A 241 0.07 -8.13 -8.18
N TYR A 242 0.59 -8.90 -7.23
CA TYR A 242 -0.10 -10.09 -6.75
C TYR A 242 0.50 -10.39 -5.37
N PRO A 243 -0.30 -10.59 -4.33
CA PRO A 243 0.25 -10.56 -2.96
C PRO A 243 0.92 -11.86 -2.53
N TRP A 244 1.96 -11.70 -1.68
CA TRP A 244 2.61 -12.86 -1.05
C TRP A 244 1.60 -13.69 -0.25
N GLU A 245 0.65 -13.03 0.41
CA GLU A 245 -0.34 -13.76 1.19
C GLU A 245 -0.98 -14.89 0.37
N PHE A 246 -1.20 -14.66 -0.93
CA PHE A 246 -1.68 -15.74 -1.80
C PHE A 246 -0.54 -16.65 -2.25
N MET A 247 0.56 -16.06 -2.77
CA MET A 247 1.61 -16.84 -3.42
C MET A 247 2.27 -17.84 -2.48
N LEU A 248 2.45 -17.47 -1.21
CA LEU A 248 3.14 -18.38 -0.29
C LEU A 248 2.33 -19.65 0.01
N ARG A 249 1.05 -19.68 -0.37
CA ARG A 249 0.16 -20.83 -0.14
C ARG A 249 -0.22 -21.55 -1.41
N GLU A 250 0.32 -21.12 -2.54
CA GLU A 250 -0.14 -21.67 -3.79
C GLU A 250 0.65 -22.91 -4.19
N MET A 251 0.10 -23.60 -5.17
CA MET A 251 0.67 -24.85 -5.61
C MET A 251 2.10 -24.60 -6.07
N PHE A 252 3.03 -25.45 -5.62
CA PHE A 252 4.43 -25.34 -5.98
C PHE A 252 5.09 -24.07 -5.42
N SER A 253 4.52 -23.44 -4.39
CA SER A 253 5.22 -22.36 -3.72
C SER A 253 6.51 -22.82 -3.03
N THR A 254 6.70 -24.13 -2.80
CA THR A 254 8.01 -24.57 -2.32
C THR A 254 9.12 -24.25 -3.31
N LYS A 255 8.80 -24.06 -4.59
CA LYS A 255 9.84 -23.76 -5.58
C LYS A 255 10.37 -22.33 -5.47
N LEU A 256 9.73 -21.47 -4.69
CA LEU A 256 10.15 -20.06 -4.65
C LEU A 256 11.57 -19.93 -4.12
N GLU A 257 11.89 -20.69 -3.07
CA GLU A 257 13.17 -20.57 -2.40
C GLU A 257 14.35 -20.77 -3.35
N ASP A 258 14.19 -21.62 -4.36
CA ASP A 258 15.29 -21.98 -5.26
C ASP A 258 15.14 -21.39 -6.65
N ALA A 259 14.17 -20.50 -6.87
CA ALA A 259 13.92 -20.03 -8.22
C ALA A 259 14.99 -19.05 -8.73
N GLY A 260 15.82 -18.49 -7.84
CA GLY A 260 16.84 -17.54 -8.31
C GLY A 260 16.27 -16.23 -8.79
N VAL A 261 15.10 -15.86 -8.30
CA VAL A 261 14.40 -14.63 -8.68
C VAL A 261 14.50 -13.67 -7.51
N ARG A 262 14.76 -12.41 -7.82
CA ARG A 262 14.62 -11.34 -6.85
C ARG A 262 13.30 -10.66 -7.13
N TRP A 263 12.58 -10.28 -6.07
CA TRP A 263 11.18 -9.89 -6.17
C TRP A 263 10.94 -8.47 -5.73
N LEU A 264 10.01 -7.79 -6.41
CA LEU A 264 9.43 -6.53 -5.95
C LEU A 264 7.93 -6.73 -5.84
N GLU A 265 7.37 -6.60 -4.63
CA GLU A 265 8.09 -6.36 -3.40
C GLU A 265 8.75 -7.64 -2.88
N PRO A 266 9.82 -7.49 -2.13
CA PRO A 266 10.59 -8.68 -1.73
C PRO A 266 9.82 -9.51 -0.72
N ALA A 267 10.25 -10.77 -0.58
CA ALA A 267 9.50 -11.75 0.24
C ALA A 267 9.31 -11.28 1.68
N TRP A 268 10.27 -10.53 2.25
CA TRP A 268 10.13 -10.13 3.65
C TRP A 268 9.01 -9.13 3.85
N LYS A 269 8.55 -8.48 2.77
CA LYS A 269 7.42 -7.60 2.94
C LYS A 269 6.14 -8.35 3.32
N SER A 270 6.09 -9.69 3.13
CA SER A 270 4.94 -10.45 3.63
C SER A 270 4.69 -10.20 5.11
N ILE A 271 5.74 -9.88 5.86
CA ILE A 271 5.60 -9.75 7.30
C ILE A 271 4.97 -8.42 7.68
N ILE A 272 5.12 -7.38 6.87
CA ILE A 272 4.48 -6.15 7.27
C ILE A 272 3.22 -5.83 6.48
N SER A 273 2.80 -6.71 5.58
CA SER A 273 1.55 -6.52 4.83
C SER A 273 0.42 -7.40 5.33
N ASN A 274 0.29 -7.61 6.65
CA ASN A 274 -0.93 -8.22 7.15
C ASN A 274 -1.19 -7.62 8.52
N LYS A 275 -2.35 -7.93 9.07
CA LYS A 275 -2.78 -7.18 10.24
C LYS A 275 -2.01 -7.57 11.49
N ALA A 276 -1.24 -8.67 11.46
CA ALA A 276 -0.45 -9.00 12.64
C ALA A 276 0.54 -7.89 12.95
N LEU A 277 0.83 -7.02 11.96
CA LEU A 277 1.74 -5.90 12.21
C LEU A 277 1.24 -5.03 13.35
N LEU A 278 -0.08 -4.85 13.44
CA LEU A 278 -0.61 -3.83 14.33
C LEU A 278 -0.41 -4.19 15.81
N PRO A 279 -0.71 -5.41 16.27
CA PRO A 279 -0.34 -5.76 17.66
C PRO A 279 1.14 -5.70 17.92
N LEU A 280 2.00 -6.14 16.99
CA LEU A 280 3.43 -6.09 17.28
C LEU A 280 3.93 -4.65 17.35
N LEU A 281 3.41 -3.76 16.51
CA LEU A 281 3.82 -2.37 16.61
C LEU A 281 3.49 -1.81 17.99
N TRP A 282 2.27 -2.10 18.47
CA TRP A 282 1.80 -1.61 19.76
C TRP A 282 2.59 -2.19 20.91
N GLU A 283 3.02 -3.45 20.79
CA GLU A 283 3.84 -4.04 21.84
C GLU A 283 5.24 -3.43 21.84
N MET A 284 5.83 -3.23 20.67
CA MET A 284 7.17 -2.69 20.60
C MET A 284 7.22 -1.19 20.87
N PHE A 285 6.11 -0.48 20.67
CA PHE A 285 6.09 0.98 20.77
C PHE A 285 4.83 1.39 21.53
N PRO A 286 4.72 1.01 22.80
CA PRO A 286 3.47 1.23 23.52
C PRO A 286 3.19 2.72 23.67
N ASN A 287 1.91 3.06 23.54
CA ASN A 287 1.44 4.45 23.59
C ASN A 287 2.13 5.37 22.59
N HIS A 288 2.64 4.81 21.50
CA HIS A 288 3.15 5.69 20.45
C HIS A 288 2.03 6.62 19.97
N PRO A 289 2.33 7.91 19.73
CA PRO A 289 1.24 8.85 19.37
C PRO A 289 0.49 8.47 18.08
N ASN A 290 1.14 7.77 17.16
CA ASN A 290 0.53 7.46 15.87
C ASN A 290 0.09 6.01 15.75
N LEU A 291 0.02 5.27 16.86
CA LEU A 291 -0.51 3.92 16.87
C LEU A 291 -1.79 3.82 17.69
N LEU A 292 -2.57 2.81 17.40
CA LEU A 292 -3.77 2.46 18.15
C LEU A 292 -3.52 1.15 18.88
N PRO A 293 -4.09 0.98 20.08
CA PRO A 293 -3.96 -0.31 20.77
C PRO A 293 -4.45 -1.46 19.89
N ALA A 294 -3.63 -2.51 19.83
CA ALA A 294 -3.98 -3.69 19.06
C ALA A 294 -3.37 -4.90 19.75
N TYR A 295 -4.08 -6.03 19.67
CA TYR A 295 -3.67 -7.28 20.28
C TYR A 295 -4.10 -8.43 19.39
N PHE A 296 -3.42 -9.57 19.52
CA PHE A 296 -3.96 -10.77 18.91
C PHE A 296 -5.19 -11.23 19.69
N ALA A 297 -6.26 -11.56 18.97
CA ALA A 297 -7.51 -11.86 19.66
C ALA A 297 -7.39 -13.09 20.53
N GLU A 298 -6.47 -14.00 20.19
CA GLU A 298 -6.34 -15.24 20.93
C GLU A 298 -5.55 -15.07 22.22
N ASP A 299 -4.82 -13.97 22.36
CA ASP A 299 -4.03 -13.70 23.55
C ASP A 299 -4.88 -13.07 24.64
N ASP A 300 -4.41 -13.25 25.87
CA ASP A 300 -4.94 -12.47 26.99
C ASP A 300 -4.52 -11.01 26.82
N HIS A 301 -5.48 -10.11 26.76
CA HIS A 301 -5.18 -8.72 26.44
C HIS A 301 -6.15 -7.83 27.18
N PRO A 302 -5.78 -6.57 27.42
CA PRO A 302 -6.70 -5.63 28.07
C PRO A 302 -8.05 -5.54 27.37
N GLN A 303 -9.08 -5.29 28.17
CA GLN A 303 -10.42 -5.09 27.66
C GLN A 303 -10.54 -3.68 27.10
N MET A 304 -11.10 -3.58 25.90
CA MET A 304 -11.30 -2.29 25.25
C MET A 304 -12.79 -1.98 25.22
N GLU A 305 -13.13 -0.71 25.47
CA GLU A 305 -14.54 -0.33 25.55
C GLU A 305 -15.22 -0.51 24.20
N LYS A 306 -14.58 -0.03 23.13
CA LYS A 306 -15.09 -0.17 21.77
C LYS A 306 -13.91 -0.53 20.88
N TYR A 307 -14.06 -1.58 20.07
CA TYR A 307 -12.93 -2.08 19.31
C TYR A 307 -13.45 -2.90 18.14
N VAL A 308 -12.51 -3.26 17.27
CA VAL A 308 -12.78 -3.84 15.96
C VAL A 308 -12.00 -5.14 15.86
N VAL A 309 -12.62 -6.21 15.38
CA VAL A 309 -11.89 -7.46 15.18
C VAL A 309 -11.70 -7.63 13.67
N LYS A 310 -10.45 -7.79 13.26
CA LYS A 310 -10.05 -7.92 11.87
C LYS A 310 -9.29 -9.21 11.69
N PRO A 311 -9.48 -9.91 10.58
CA PRO A 311 -8.66 -11.10 10.35
C PRO A 311 -7.23 -10.67 10.12
N ILE A 312 -6.29 -11.50 10.56
CA ILE A 312 -4.89 -11.22 10.29
C ILE A 312 -4.70 -11.08 8.78
N PHE A 313 -5.32 -11.99 8.03
CA PHE A 313 -5.36 -11.99 6.59
C PHE A 313 -6.06 -10.74 6.03
N SER A 314 -5.74 -10.44 4.77
CA SER A 314 -6.49 -9.43 4.00
C SER A 314 -7.55 -10.10 3.11
N ARG A 315 -8.43 -10.88 3.74
CA ARG A 315 -9.44 -11.70 3.05
C ARG A 315 -10.40 -12.33 4.06
N ASN A 319 -14.32 -9.90 6.02
CA ASN A 319 -14.67 -8.55 6.46
C ASN A 319 -14.64 -8.43 7.99
N VAL A 320 -14.93 -7.23 8.47
CA VAL A 320 -14.60 -6.80 9.82
C VAL A 320 -15.87 -6.60 10.65
N SER A 321 -15.73 -6.68 11.97
CA SER A 321 -16.88 -6.46 12.85
C SER A 321 -16.45 -5.65 14.08
N ILE A 322 -17.40 -4.90 14.64
CA ILE A 322 -17.16 -3.92 15.69
C ILE A 322 -17.88 -4.36 16.96
N ILE A 323 -17.26 -4.13 18.12
CA ILE A 323 -17.86 -4.46 19.41
C ILE A 323 -17.69 -3.28 20.36
N GLU A 324 -18.58 -3.20 21.35
CA GLU A 324 -18.60 -2.05 22.23
C GLU A 324 -19.08 -2.43 23.63
N ASN A 325 -19.03 -1.44 24.53
CA ASN A 325 -19.51 -1.54 25.91
C ASN A 325 -18.74 -2.59 26.72
N GLY A 326 -17.44 -2.70 26.46
CA GLY A 326 -16.58 -3.57 27.24
C GLY A 326 -16.86 -5.05 27.10
N LYS A 327 -17.56 -5.45 26.05
CA LYS A 327 -17.90 -6.86 25.86
C LYS A 327 -16.70 -7.63 25.30
N THR A 328 -16.66 -8.93 25.62
CA THR A 328 -15.70 -9.86 25.05
C THR A 328 -16.19 -10.35 23.68
N ILE A 329 -15.29 -11.01 22.93
CA ILE A 329 -15.67 -11.55 21.63
C ILE A 329 -16.60 -12.75 21.83
N GLY A 334 -19.81 -12.56 18.12
CA GLY A 334 -19.03 -12.27 16.93
C GLY A 334 -19.17 -13.40 15.94
N PRO A 335 -19.52 -13.06 14.68
CA PRO A 335 -19.71 -14.12 13.67
C PRO A 335 -18.41 -14.75 13.22
N TYR A 336 -17.29 -14.03 13.31
CA TYR A 336 -16.01 -14.48 12.79
C TYR A 336 -15.20 -15.25 13.83
N GLY A 337 -15.55 -15.14 15.11
CA GLY A 337 -14.81 -15.86 16.13
C GLY A 337 -13.53 -15.13 16.54
N GLU A 338 -12.63 -15.91 17.15
CA GLU A 338 -11.39 -15.44 17.75
C GLU A 338 -10.16 -15.78 16.94
N GLU A 339 -10.11 -17.00 16.40
CA GLU A 339 -8.90 -17.56 15.83
C GLU A 339 -8.48 -16.81 14.56
N GLY A 340 -7.18 -16.53 14.43
CA GLY A 340 -6.67 -15.81 13.27
C GLY A 340 -7.07 -14.35 13.20
N MET A 341 -7.49 -13.77 14.33
CA MET A 341 -8.01 -12.41 14.36
C MET A 341 -7.09 -11.52 15.18
N ILE A 342 -7.12 -10.23 14.90
CA ILE A 342 -6.55 -9.25 15.79
C ILE A 342 -7.70 -8.38 16.27
N VAL A 343 -7.45 -7.64 17.34
CA VAL A 343 -8.39 -6.67 17.84
C VAL A 343 -7.68 -5.32 17.90
N GLN A 344 -8.39 -4.27 17.51
CA GLN A 344 -7.82 -2.93 17.47
C GLN A 344 -8.82 -1.94 18.02
N GLN A 345 -8.34 -0.98 18.80
CA GLN A 345 -9.21 0.02 19.39
C GLN A 345 -9.99 0.71 18.28
N PHE A 346 -11.31 0.79 18.44
CA PHE A 346 -12.12 1.46 17.44
C PHE A 346 -11.79 2.95 17.41
N HIS A 347 -11.67 3.48 16.19
CA HIS A 347 -11.23 4.85 15.99
C HIS A 347 -11.81 5.31 14.67
N PRO A 348 -12.98 5.97 14.70
CA PRO A 348 -13.68 6.26 13.45
C PRO A 348 -12.87 7.18 12.54
N LEU A 349 -13.07 7.00 11.25
CA LEU A 349 -12.47 7.89 10.28
C LEU A 349 -13.19 9.23 10.30
N PRO A 350 -12.52 10.33 9.95
CA PRO A 350 -13.23 11.61 9.86
C PRO A 350 -14.31 11.54 8.78
N LYS A 351 -15.41 12.23 9.04
CA LYS A 351 -16.56 12.17 8.14
C LYS A 351 -16.73 13.54 7.48
N PHE A 352 -16.68 13.55 6.14
CA PHE A 352 -16.84 14.76 5.34
C PHE A 352 -18.13 14.58 4.57
N GLY A 353 -19.20 15.26 5.00
CA GLY A 353 -20.49 14.99 4.40
C GLY A 353 -20.93 13.56 4.67
N ASP A 354 -21.30 12.86 3.61
CA ASP A 354 -21.80 11.49 3.75
C ASP A 354 -20.72 10.42 3.79
N SER A 355 -19.44 10.78 3.64
CA SER A 355 -18.37 9.81 3.42
C SER A 355 -17.27 9.92 4.47
N TYR A 356 -16.69 8.77 4.82
CA TYR A 356 -15.48 8.71 5.62
C TYR A 356 -14.27 8.87 4.71
N MET A 357 -13.23 9.52 5.22
CA MET A 357 -12.02 9.82 4.45
C MET A 357 -10.83 9.12 5.07
N LEU A 358 -9.94 8.61 4.21
CA LEU A 358 -8.73 7.92 4.62
C LEU A 358 -7.53 8.44 3.82
N ILE A 359 -6.41 8.67 4.50
CA ILE A 359 -5.22 9.18 3.86
C ILE A 359 -4.31 8.01 3.53
N GLY A 360 -4.01 7.84 2.24
CA GLY A 360 -2.98 6.89 1.84
C GLY A 360 -1.65 7.59 1.74
N SER A 361 -0.68 7.19 2.55
CA SER A 361 0.61 7.89 2.55
C SER A 361 1.73 6.97 2.07
N TRP A 362 2.38 7.35 0.98
CA TRP A 362 3.30 6.48 0.23
C TRP A 362 4.75 6.59 0.67
N LEU A 363 5.45 5.45 0.56
CA LEU A 363 6.90 5.40 0.66
C LEU A 363 7.47 4.81 -0.62
N VAL A 364 8.58 5.38 -1.08
CA VAL A 364 9.41 4.74 -2.08
C VAL A 364 10.67 4.30 -1.35
N ASN A 365 10.84 2.97 -1.21
CA ASN A 365 11.72 2.40 -0.20
C ASN A 365 11.39 2.98 1.18
N ASP A 366 12.28 3.79 1.75
CA ASP A 366 12.09 4.35 3.08
C ASP A 366 11.79 5.84 3.05
N GLN A 367 11.56 6.43 1.85
CA GLN A 367 11.32 7.87 1.72
C GLN A 367 9.85 8.19 1.51
N PRO A 368 9.23 8.99 2.36
CA PRO A 368 7.85 9.42 2.11
C PRO A 368 7.74 10.12 0.76
N ALA A 369 6.70 9.79 -0.01
CA ALA A 369 6.58 10.29 -1.38
C ALA A 369 5.24 10.94 -1.69
N GLY A 370 4.35 11.14 -0.72
CA GLY A 370 3.12 11.85 -0.93
C GLY A 370 1.88 11.08 -0.52
N ILE A 371 0.73 11.72 -0.69
CA ILE A 371 -0.53 11.16 -0.24
C ILE A 371 -1.56 11.10 -1.36
N GLY A 372 -2.47 10.16 -1.23
CA GLY A 372 -3.64 10.06 -2.08
C GLY A 372 -4.82 9.80 -1.17
N ILE A 373 -5.88 10.53 -1.35
CA ILE A 373 -6.99 10.53 -0.42
C ILE A 373 -8.12 9.68 -0.96
N ARG A 374 -8.73 8.85 -0.11
CA ARG A 374 -9.87 8.06 -0.52
C ARG A 374 -11.07 8.34 0.38
N GLU A 375 -12.25 8.05 -0.16
CA GLU A 375 -13.52 8.18 0.55
C GLU A 375 -14.33 6.91 0.40
N ASP A 376 -15.23 6.71 1.35
CA ASP A 376 -16.18 5.60 1.28
C ASP A 376 -17.35 5.92 2.21
N ARG A 377 -18.55 5.49 1.81
CA ARG A 377 -19.74 5.71 2.62
C ARG A 377 -19.92 4.71 3.76
N ALA A 378 -19.22 3.59 3.71
CA ALA A 378 -19.25 2.59 4.79
C ALA A 378 -18.10 2.82 5.75
N LEU A 379 -18.33 2.56 7.04
CA LEU A 379 -17.26 2.68 8.01
C LEU A 379 -16.30 1.51 7.88
N ILE A 380 -16.82 0.29 7.88
CA ILE A 380 -16.01 -0.91 7.73
C ILE A 380 -15.82 -1.19 6.24
N THR A 381 -14.60 -1.00 5.73
CA THR A 381 -14.31 -1.31 4.34
C THR A 381 -12.84 -1.68 4.15
N GLN A 382 -12.60 -2.76 3.39
CA GLN A 382 -11.23 -3.20 3.12
C GLN A 382 -10.50 -2.23 2.20
N ASP A 383 -11.17 -1.75 1.15
CA ASP A 383 -10.58 -0.80 0.20
C ASP A 383 -11.60 0.27 -0.09
N MET A 384 -11.25 1.52 0.23
CA MET A 384 -12.16 2.65 0.01
C MET A 384 -12.56 2.77 -1.47
N SER A 385 -13.83 3.11 -1.70
CA SER A 385 -14.42 3.01 -3.03
C SER A 385 -13.97 4.13 -3.98
N ARG A 386 -13.60 5.31 -3.46
CA ARG A 386 -13.41 6.50 -4.31
C ARG A 386 -12.11 7.22 -3.95
N PHE A 387 -11.47 7.79 -4.96
CA PHE A 387 -10.22 8.52 -4.82
C PHE A 387 -10.49 9.97 -5.17
N TYR A 388 -9.93 10.90 -4.39
CA TYR A 388 -10.00 12.33 -4.66
C TYR A 388 -8.62 12.97 -4.67
N PRO A 389 -8.37 13.91 -5.58
CA PRO A 389 -7.08 14.59 -5.59
C PRO A 389 -7.00 15.54 -4.42
N HIS A 390 -5.79 16.06 -4.16
CA HIS A 390 -5.67 17.05 -3.10
C HIS A 390 -4.71 18.15 -3.51
N ILE A 391 -4.72 19.23 -2.72
CA ILE A 391 -3.67 20.24 -2.74
C ILE A 391 -3.26 20.56 -1.32
N PHE A 392 -2.12 21.23 -1.18
CA PHE A 392 -1.86 21.95 0.06
C PHE A 392 -1.50 23.40 -0.30
N VAL A 393 -1.77 24.31 0.66
CA VAL A 393 -1.46 25.73 0.55
C VAL A 393 -0.64 26.16 1.75
N GLU A 394 -0.14 27.40 1.70
CA GLU A 394 0.66 28.05 2.75
C GLU A 394 2.07 27.49 2.79
#